data_1UZE
#
_entry.id   1UZE
#
_cell.length_a   56.720
_cell.length_b   85.350
_cell.length_c   133.730
_cell.angle_alpha   90.00
_cell.angle_beta   90.00
_cell.angle_gamma   90.00
#
_symmetry.space_group_name_H-M   'P 21 21 21'
#
loop_
_entity.id
_entity.type
_entity.pdbx_description
1 polymer 'ANGIOTENSIN CONVERTING ENZYME'
2 non-polymer GLYCINE
3 non-polymer 'ZINC ION'
4 non-polymer 'CHLORIDE ION'
5 non-polymer 1-((2S)-2-{[(1S)-1-CARBOXY-3-PHENYLPROPYL]AMINO}PROPANOYL)-L-PROLINE
6 water water
#
_entity_poly.entity_id   1
_entity_poly.type   'polypeptide(L)'
_entity_poly.pdbx_seq_one_letter_code
;LVTDEAEASKFVEEYDRTSQVVWNEYAEANWNYNTNITTETSKILLQKNMQIANHTLKYGTQARKFDVNQLQNTTIKRII
KKVQDLERAALPAQELEEYNKILLDMETTYSVATVCHPNGSCLQLEPDLTNVMATSRKYEDLLWAWEGWRDKAGRAILQF
YPKYVELINQAARLNGYVDAGDSWRSMYETPSLEQDLERLFQELQPLYLNLHAYVRRALHRHYGAQHINLEGPIPAHLLG
NMWAQTWSNIYDLVVPFPSAPSMDTTEAMLKQGWTPRRMFKEADDFFTSLGLLPVPPEFWNKSMLEKPTDGREVVCHASA
WDFYNGKDFRIKQCTTVNLEDLVVAHHEMGHIQYFMQYKDLPVALREGANPGFHEAIGDVLALSVSTPKHLHSLNLLSSE
GGSDEHDINFLMKMALDKIAFIPFSYLVDQWRWRVFDGSITKENYNQEWWSLRLKYQGLCPPVPRTQGDFDPGAKFHIPS
SVPYIRYFVSFIIQFQFHEALCQAAGHTGPLHKCDIYQSKEAGQRLATAMKLGFSRPWPEAMQLITGQPNMSASAMLSYF
KPLLDWLRTENELHGEKLGWPQYNWTPNS
;
_entity_poly.pdbx_strand_id   A
#
# COMPACT_ATOMS: atom_id res chain seq x y z
N ASP A 4 36.02 13.94 -18.23
CA ASP A 4 35.43 14.29 -16.92
C ASP A 4 34.84 13.05 -16.25
N GLU A 5 34.79 11.96 -17.01
CA GLU A 5 34.25 10.69 -16.53
C GLU A 5 34.86 10.28 -15.19
N ALA A 6 36.09 10.70 -14.94
CA ALA A 6 36.78 10.37 -13.70
C ALA A 6 36.16 11.11 -12.51
N GLU A 7 35.83 12.37 -12.72
CA GLU A 7 35.22 13.19 -11.69
C GLU A 7 33.85 12.60 -11.31
N ALA A 8 33.20 12.00 -12.31
CA ALA A 8 31.87 11.41 -12.12
C ALA A 8 31.85 10.23 -11.15
N SER A 9 32.68 9.23 -11.40
CA SER A 9 32.74 8.06 -10.53
C SER A 9 33.18 8.47 -9.12
N LYS A 10 34.03 9.48 -9.05
CA LYS A 10 34.51 9.99 -7.77
C LYS A 10 33.36 10.66 -7.03
N PHE A 11 32.57 11.43 -7.76
CA PHE A 11 31.42 12.12 -7.19
C PHE A 11 30.44 11.12 -6.60
N VAL A 12 30.12 10.09 -7.39
CA VAL A 12 29.18 9.07 -6.93
C VAL A 12 29.67 8.35 -5.68
N GLU A 13 30.98 8.13 -5.60
CA GLU A 13 31.55 7.46 -4.43
C GLU A 13 31.41 8.31 -3.19
N GLU A 14 31.69 9.60 -3.32
CA GLU A 14 31.58 10.51 -2.18
C GLU A 14 30.12 10.67 -1.77
N TYR A 15 29.24 10.75 -2.76
CA TYR A 15 27.81 10.88 -2.49
C TYR A 15 27.32 9.67 -1.70
N ASP A 16 27.75 8.48 -2.12
CA ASP A 16 27.31 7.26 -1.47
C ASP A 16 27.74 7.14 -0.01
N ARG A 17 29.03 7.32 0.27
CA ARG A 17 29.48 7.19 1.65
C ARG A 17 28.92 8.27 2.57
N THR A 18 28.77 9.49 2.06
CA THR A 18 28.21 10.57 2.88
C THR A 18 26.69 10.42 3.07
N SER A 19 26.00 9.97 2.03
CA SER A 19 24.56 9.79 2.12
C SER A 19 24.20 8.74 3.15
N GLN A 20 24.98 7.67 3.19
CA GLN A 20 24.73 6.59 4.14
C GLN A 20 24.70 7.13 5.57
N VAL A 21 25.66 7.97 5.91
CA VAL A 21 25.75 8.55 7.24
C VAL A 21 24.55 9.44 7.56
N VAL A 22 24.30 10.44 6.71
CA VAL A 22 23.19 11.37 6.91
C VAL A 22 21.82 10.70 6.91
N TRP A 23 21.58 9.81 5.94
CA TRP A 23 20.30 9.12 5.86
C TRP A 23 20.08 8.24 7.08
N ASN A 24 21.15 7.63 7.58
CA ASN A 24 21.02 6.78 8.75
C ASN A 24 20.63 7.60 9.98
N GLU A 25 21.19 8.79 10.10
CA GLU A 25 20.86 9.66 11.23
C GLU A 25 19.41 10.13 11.12
N TYR A 26 18.99 10.43 9.90
CA TYR A 26 17.61 10.89 9.69
C TYR A 26 16.61 9.79 10.05
N ALA A 27 16.88 8.57 9.60
CA ALA A 27 16.00 7.45 9.86
C ALA A 27 15.83 7.29 11.38
N GLU A 28 16.90 7.57 12.11
CA GLU A 28 16.88 7.47 13.56
C GLU A 28 15.88 8.45 14.17
N ALA A 29 15.98 9.71 13.77
CA ALA A 29 15.08 10.74 14.29
C ALA A 29 13.65 10.47 13.84
N ASN A 30 13.50 10.00 12.61
CA ASN A 30 12.18 9.72 12.06
C ASN A 30 11.53 8.58 12.83
N TRP A 31 12.32 7.55 13.15
CA TRP A 31 11.82 6.41 13.89
C TRP A 31 11.40 6.81 15.30
N ASN A 32 12.22 7.62 15.95
CA ASN A 32 11.91 8.07 17.31
C ASN A 32 10.59 8.83 17.35
N TYR A 33 10.35 9.64 16.32
CA TYR A 33 9.10 10.39 16.25
C TYR A 33 7.94 9.42 16.03
N ASN A 34 8.10 8.55 15.03
CA ASN A 34 7.08 7.58 14.68
C ASN A 34 6.71 6.62 15.82
N THR A 35 7.67 6.29 16.67
CA THR A 35 7.43 5.37 17.78
C THR A 35 7.27 6.06 19.13
N ASN A 36 7.18 7.39 19.10
CA ASN A 36 7.01 8.16 20.33
C ASN A 36 6.74 9.63 19.99
N ILE A 37 5.53 9.89 19.51
CA ILE A 37 5.12 11.23 19.12
C ILE A 37 5.09 12.19 20.31
N THR A 38 6.01 13.14 20.32
CA THR A 38 6.09 14.13 21.39
C THR A 38 6.63 15.43 20.81
N THR A 39 6.52 16.50 21.59
CA THR A 39 7.03 17.80 21.15
C THR A 39 8.53 17.69 20.90
N GLU A 40 9.21 16.96 21.78
CA GLU A 40 10.65 16.78 21.68
C GLU A 40 11.06 16.04 20.42
N THR A 41 10.55 14.83 20.23
CA THR A 41 10.90 14.04 19.05
C THR A 41 10.49 14.77 17.76
N SER A 42 9.44 15.57 17.83
CA SER A 42 8.98 16.31 16.66
C SER A 42 10.00 17.39 16.31
N LYS A 43 10.44 18.14 17.31
CA LYS A 43 11.42 19.20 17.09
C LYS A 43 12.73 18.64 16.54
N ILE A 44 13.18 17.52 17.08
CA ILE A 44 14.42 16.90 16.63
C ILE A 44 14.31 16.45 15.18
N LEU A 45 13.17 15.87 14.82
CA LEU A 45 12.96 15.41 13.46
C LEU A 45 13.02 16.59 12.49
N LEU A 46 12.38 17.69 12.86
CA LEU A 46 12.38 18.88 12.01
C LEU A 46 13.79 19.44 11.83
N GLN A 47 14.61 19.32 12.86
CA GLN A 47 15.99 19.78 12.81
C GLN A 47 16.76 18.90 11.84
N LYS A 48 16.57 17.58 11.97
CA LYS A 48 17.24 16.63 11.10
C LYS A 48 16.85 16.83 9.64
N ASN A 49 15.61 17.28 9.42
CA ASN A 49 15.14 17.51 8.05
C ASN A 49 16.05 18.55 7.38
N MET A 50 16.32 19.62 8.11
CA MET A 50 17.17 20.70 7.62
C MET A 50 18.60 20.23 7.34
N GLN A 51 19.08 19.26 8.14
CA GLN A 51 20.43 18.75 7.95
C GLN A 51 20.53 17.89 6.70
N ILE A 52 19.56 16.99 6.51
CA ILE A 52 19.58 16.13 5.34
C ILE A 52 19.33 16.96 4.08
N ALA A 53 18.59 18.05 4.23
CA ALA A 53 18.31 18.93 3.09
C ALA A 53 19.61 19.62 2.66
N ASN A 54 20.42 20.00 3.65
CA ASN A 54 21.69 20.65 3.37
C ASN A 54 22.59 19.71 2.57
N HIS A 55 22.57 18.44 2.94
CA HIS A 55 23.38 17.44 2.24
C HIS A 55 22.86 17.25 0.82
N THR A 56 21.55 17.19 0.68
CA THR A 56 20.93 17.01 -0.64
C THR A 56 21.26 18.19 -1.56
N LEU A 57 21.18 19.40 -1.01
CA LEU A 57 21.46 20.60 -1.78
C LEU A 57 22.93 20.66 -2.20
N LYS A 58 23.81 20.22 -1.30
CA LYS A 58 25.24 20.23 -1.58
C LYS A 58 25.60 19.30 -2.73
N TYR A 59 25.17 18.04 -2.65
CA TYR A 59 25.48 17.09 -3.69
C TYR A 59 24.63 17.24 -4.94
N GLY A 60 23.37 17.68 -4.76
CA GLY A 60 22.50 17.87 -5.90
C GLY A 60 22.97 19.01 -6.77
N THR A 61 23.45 20.07 -6.14
CA THR A 61 23.95 21.24 -6.86
C THR A 61 25.15 20.85 -7.70
N GLN A 62 26.02 20.01 -7.13
CA GLN A 62 27.21 19.55 -7.82
C GLN A 62 26.81 18.62 -8.97
N ALA A 63 25.87 17.71 -8.70
CA ALA A 63 25.41 16.77 -9.71
C ALA A 63 24.89 17.49 -10.96
N ARG A 64 24.21 18.61 -10.76
CA ARG A 64 23.66 19.36 -11.87
C ARG A 64 24.74 20.00 -12.75
N LYS A 65 25.96 20.07 -12.22
CA LYS A 65 27.06 20.65 -12.98
C LYS A 65 27.58 19.68 -14.03
N PHE A 66 27.19 18.41 -13.90
CA PHE A 66 27.59 17.39 -14.86
C PHE A 66 26.62 17.35 -16.02
N ASP A 67 27.14 17.15 -17.24
CA ASP A 67 26.27 17.04 -18.40
C ASP A 67 26.07 15.54 -18.54
N VAL A 68 24.95 15.05 -18.01
CA VAL A 68 24.64 13.63 -18.06
C VAL A 68 24.75 13.05 -19.47
N ASN A 69 24.44 13.85 -20.48
CA ASN A 69 24.51 13.40 -21.86
C ASN A 69 25.91 12.93 -22.25
N GLN A 70 26.93 13.63 -21.77
CA GLN A 70 28.32 13.30 -22.09
C GLN A 70 28.90 12.17 -21.23
N LEU A 71 28.12 11.68 -20.27
CA LEU A 71 28.61 10.61 -19.40
C LEU A 71 28.51 9.25 -20.08
N GLN A 72 29.63 8.52 -20.10
CA GLN A 72 29.69 7.22 -20.73
C GLN A 72 29.12 6.07 -19.91
N ASN A 73 29.64 5.88 -18.71
CA ASN A 73 29.15 4.81 -17.83
C ASN A 73 27.67 5.01 -17.55
N THR A 74 26.86 4.00 -17.91
CA THR A 74 25.42 4.08 -17.72
C THR A 74 24.97 4.06 -16.26
N THR A 75 25.72 3.38 -15.40
CA THR A 75 25.37 3.31 -13.98
C THR A 75 25.63 4.66 -13.31
N ILE A 76 26.75 5.28 -13.66
CA ILE A 76 27.11 6.58 -13.12
C ILE A 76 26.10 7.60 -13.64
N LYS A 77 25.82 7.52 -14.93
CA LYS A 77 24.88 8.41 -15.60
C LYS A 77 23.52 8.38 -14.90
N ARG A 78 23.07 7.18 -14.58
CA ARG A 78 21.79 6.98 -13.92
C ARG A 78 21.74 7.54 -12.50
N ILE A 79 22.80 7.29 -11.73
CA ILE A 79 22.86 7.79 -10.36
C ILE A 79 22.90 9.31 -10.34
N ILE A 80 23.77 9.90 -11.17
CA ILE A 80 23.90 11.35 -11.21
C ILE A 80 22.60 12.03 -11.65
N LYS A 81 21.92 11.48 -12.64
CA LYS A 81 20.66 12.07 -13.09
C LYS A 81 19.69 12.11 -11.91
N LYS A 82 19.68 11.05 -11.12
CA LYS A 82 18.79 10.95 -9.97
C LYS A 82 19.15 11.95 -8.87
N VAL A 83 20.45 12.14 -8.63
CA VAL A 83 20.91 13.07 -7.60
C VAL A 83 20.64 14.52 -7.98
N GLN A 84 20.39 14.77 -9.26
CA GLN A 84 20.09 16.13 -9.71
C GLN A 84 18.70 16.54 -9.24
N ASP A 85 17.90 15.56 -8.85
CA ASP A 85 16.55 15.83 -8.34
C ASP A 85 16.68 16.06 -6.83
N LEU A 86 16.55 17.31 -6.41
CA LEU A 86 16.67 17.68 -5.00
C LEU A 86 15.41 17.43 -4.19
N GLU A 87 14.31 17.20 -4.89
CA GLU A 87 13.03 16.99 -4.24
C GLU A 87 12.73 18.18 -3.34
N ARG A 88 12.25 17.97 -2.12
CA ARG A 88 11.91 19.11 -1.27
C ARG A 88 13.07 20.07 -0.98
N ALA A 89 14.29 19.56 -1.05
CA ALA A 89 15.46 20.40 -0.79
C ALA A 89 15.63 21.51 -1.82
N ALA A 90 14.85 21.45 -2.90
CA ALA A 90 14.93 22.48 -3.93
C ALA A 90 14.24 23.76 -3.50
N LEU A 91 13.39 23.66 -2.48
CA LEU A 91 12.65 24.80 -1.96
C LEU A 91 13.50 25.79 -1.18
N PRO A 92 13.16 27.09 -1.26
CA PRO A 92 13.93 28.10 -0.52
C PRO A 92 13.79 27.70 0.95
N ALA A 93 14.84 27.97 1.74
CA ALA A 93 14.86 27.62 3.16
C ALA A 93 13.55 27.89 3.92
N GLN A 94 12.96 29.07 3.69
CA GLN A 94 11.73 29.44 4.37
C GLN A 94 10.58 28.50 4.03
N GLU A 95 10.41 28.23 2.74
CA GLU A 95 9.35 27.34 2.28
C GLU A 95 9.63 25.91 2.72
N LEU A 96 10.90 25.54 2.78
CA LEU A 96 11.26 24.19 3.19
C LEU A 96 10.84 23.90 4.62
N GLU A 97 11.11 24.85 5.53
CA GLU A 97 10.74 24.62 6.92
C GLU A 97 9.23 24.63 7.07
N GLU A 98 8.54 25.44 6.29
CA GLU A 98 7.09 25.49 6.37
C GLU A 98 6.53 24.18 5.83
N TYR A 99 7.11 23.69 4.74
CA TYR A 99 6.66 22.44 4.14
C TYR A 99 6.88 21.28 5.12
N ASN A 100 8.07 21.20 5.70
CA ASN A 100 8.35 20.12 6.64
C ASN A 100 7.43 20.14 7.84
N LYS A 101 7.07 21.33 8.32
CA LYS A 101 6.18 21.44 9.46
C LYS A 101 4.77 21.02 9.09
N ILE A 102 4.34 21.37 7.87
CA ILE A 102 3.02 21.00 7.41
C ILE A 102 2.90 19.48 7.33
N LEU A 103 3.93 18.83 6.81
CA LEU A 103 3.92 17.37 6.71
C LEU A 103 3.84 16.74 8.10
N LEU A 104 4.66 17.26 9.00
CA LEU A 104 4.68 16.75 10.36
C LEU A 104 3.33 16.95 11.04
N ASP A 105 2.73 18.13 10.85
CA ASP A 105 1.45 18.42 11.46
C ASP A 105 0.34 17.52 10.90
N MET A 106 0.37 17.25 9.61
CA MET A 106 -0.65 16.38 9.03
C MET A 106 -0.50 14.97 9.57
N GLU A 107 0.74 14.50 9.67
CA GLU A 107 0.98 13.14 10.16
C GLU A 107 0.54 12.99 11.61
N THR A 108 0.90 13.96 12.44
CA THR A 108 0.53 13.91 13.83
C THR A 108 -0.98 13.97 13.99
N THR A 109 -1.62 14.90 13.30
CA THR A 109 -3.07 15.07 13.35
C THR A 109 -3.78 13.75 13.03
N TYR A 110 -3.36 13.10 11.96
CA TYR A 110 -3.96 11.83 11.55
C TYR A 110 -3.74 10.71 12.56
N SER A 111 -2.50 10.58 13.03
CA SER A 111 -2.13 9.51 13.95
C SER A 111 -2.63 9.61 15.39
N VAL A 112 -3.12 10.77 15.80
CA VAL A 112 -3.62 10.89 17.17
C VAL A 112 -5.12 11.20 17.25
N ALA A 113 -5.76 11.28 16.08
CA ALA A 113 -7.19 11.56 16.03
C ALA A 113 -8.01 10.48 16.73
N THR A 114 -9.06 10.90 17.43
CA THR A 114 -9.93 9.96 18.12
C THR A 114 -11.39 10.37 17.89
N VAL A 115 -12.29 9.40 18.01
CA VAL A 115 -13.71 9.63 17.85
C VAL A 115 -14.34 9.25 19.19
N CYS A 116 -14.93 10.24 19.87
CA CYS A 116 -15.51 9.99 21.18
C CYS A 116 -17.05 9.97 21.23
N HIS A 117 -17.57 9.23 22.20
CA HIS A 117 -19.01 9.12 22.43
C HIS A 117 -19.42 10.19 23.44
N PRO A 118 -20.72 10.44 23.57
CA PRO A 118 -21.22 11.45 24.52
C PRO A 118 -20.62 11.27 25.91
N ASN A 119 -20.56 10.02 26.37
CA ASN A 119 -20.01 9.71 27.69
C ASN A 119 -18.57 10.21 27.83
N GLY A 120 -17.63 9.39 27.36
CA GLY A 120 -16.23 9.77 27.45
C GLY A 120 -15.38 8.72 26.77
N SER A 121 -16.03 7.66 26.31
CA SER A 121 -15.35 6.58 25.62
C SER A 121 -14.90 7.08 24.25
N CYS A 122 -13.59 7.18 24.07
CA CYS A 122 -13.02 7.63 22.81
C CYS A 122 -12.35 6.44 22.13
N LEU A 123 -12.50 6.35 20.81
CA LEU A 123 -11.90 5.26 20.07
C LEU A 123 -10.84 5.76 19.09
N GLN A 124 -9.77 5.00 18.97
CA GLN A 124 -8.70 5.34 18.04
C GLN A 124 -8.96 4.48 16.82
N LEU A 125 -8.36 4.84 15.68
CA LEU A 125 -8.56 4.09 14.46
C LEU A 125 -8.14 2.63 14.64
N GLU A 126 -6.93 2.41 15.16
CA GLU A 126 -6.44 1.06 15.37
C GLU A 126 -6.30 0.80 16.87
N PRO A 127 -6.96 -0.26 17.36
CA PRO A 127 -7.79 -1.20 16.62
C PRO A 127 -9.30 -0.95 16.77
N ASP A 128 -9.66 -0.02 17.64
CA ASP A 128 -11.07 0.27 17.93
C ASP A 128 -11.99 0.49 16.73
N LEU A 129 -11.82 1.59 16.02
CA LEU A 129 -12.69 1.87 14.88
C LEU A 129 -12.57 0.82 13.79
N THR A 130 -11.38 0.29 13.59
CA THR A 130 -11.16 -0.74 12.57
C THR A 130 -11.98 -1.97 12.94
N ASN A 131 -12.01 -2.30 14.22
CA ASN A 131 -12.77 -3.45 14.68
C ASN A 131 -14.27 -3.22 14.49
N VAL A 132 -14.73 -2.00 14.78
CA VAL A 132 -16.15 -1.69 14.63
C VAL A 132 -16.57 -1.87 13.17
N MET A 133 -15.78 -1.29 12.25
CA MET A 133 -16.11 -1.41 10.84
C MET A 133 -16.10 -2.86 10.35
N ALA A 134 -15.23 -3.68 10.94
CA ALA A 134 -15.10 -5.06 10.52
C ALA A 134 -16.12 -6.04 11.10
N THR A 135 -16.57 -5.78 12.33
CA THR A 135 -17.48 -6.68 13.00
C THR A 135 -18.93 -6.26 13.19
N SER A 136 -19.19 -4.96 13.24
CA SER A 136 -20.57 -4.50 13.43
C SER A 136 -21.44 -4.74 12.19
N ARG A 137 -22.68 -5.14 12.44
CA ARG A 137 -23.64 -5.38 11.37
C ARG A 137 -24.85 -4.48 11.63
N LYS A 138 -24.62 -3.39 12.37
CA LYS A 138 -25.68 -2.45 12.69
C LYS A 138 -25.43 -1.15 11.93
N TYR A 139 -26.31 -0.88 10.96
CA TYR A 139 -26.22 0.29 10.10
C TYR A 139 -25.82 1.57 10.81
N GLU A 140 -26.49 1.87 11.93
CA GLU A 140 -26.22 3.09 12.67
C GLU A 140 -24.86 3.12 13.37
N ASP A 141 -24.41 1.97 13.86
CA ASP A 141 -23.11 1.92 14.55
C ASP A 141 -21.99 2.09 13.53
N LEU A 142 -22.17 1.48 12.37
CA LEU A 142 -21.18 1.58 11.30
C LEU A 142 -21.14 3.02 10.81
N LEU A 143 -22.30 3.66 10.76
CA LEU A 143 -22.39 5.05 10.32
C LEU A 143 -21.66 5.97 11.30
N TRP A 144 -21.85 5.72 12.60
CA TRP A 144 -21.20 6.53 13.63
C TRP A 144 -19.68 6.50 13.46
N ALA A 145 -19.13 5.31 13.24
CA ALA A 145 -17.68 5.18 13.10
C ALA A 145 -17.19 5.75 11.78
N TRP A 146 -17.92 5.47 10.70
CA TRP A 146 -17.55 5.95 9.37
C TRP A 146 -17.52 7.48 9.33
N GLU A 147 -18.60 8.09 9.78
CA GLU A 147 -18.72 9.54 9.79
C GLU A 147 -17.80 10.18 10.83
N GLY A 148 -17.74 9.58 12.01
CA GLY A 148 -16.91 10.12 13.07
C GLY A 148 -15.44 10.22 12.71
N TRP A 149 -14.91 9.19 12.07
CA TRP A 149 -13.51 9.20 11.67
C TRP A 149 -13.27 10.33 10.68
N ARG A 150 -14.19 10.50 9.74
CA ARG A 150 -14.04 11.56 8.77
C ARG A 150 -14.18 12.95 9.41
N ASP A 151 -15.04 13.06 10.41
CA ASP A 151 -15.24 14.34 11.10
C ASP A 151 -14.00 14.77 11.87
N LYS A 152 -13.33 13.80 12.50
CA LYS A 152 -12.16 14.08 13.32
C LYS A 152 -10.82 14.05 12.60
N ALA A 153 -10.66 13.14 11.65
CA ALA A 153 -9.41 13.03 10.91
C ALA A 153 -9.45 13.83 9.63
N GLY A 154 -10.42 13.53 8.78
CA GLY A 154 -10.55 14.22 7.51
C GLY A 154 -10.65 15.73 7.63
N ARG A 155 -11.65 16.21 8.36
CA ARG A 155 -11.84 17.65 8.52
C ARG A 155 -10.62 18.37 9.08
N ALA A 156 -9.90 17.72 9.98
CA ALA A 156 -8.72 18.33 10.61
C ALA A 156 -7.54 18.47 9.66
N ILE A 157 -7.51 17.69 8.59
CA ILE A 157 -6.41 17.77 7.64
C ILE A 157 -6.61 18.87 6.61
N LEU A 158 -7.86 19.25 6.39
CA LEU A 158 -8.19 20.27 5.40
C LEU A 158 -7.43 21.60 5.54
N GLN A 159 -7.20 22.06 6.77
CA GLN A 159 -6.51 23.33 6.93
C GLN A 159 -5.07 23.33 6.41
N PHE A 160 -4.47 22.14 6.30
CA PHE A 160 -3.09 22.02 5.82
C PHE A 160 -2.92 21.67 4.34
N TYR A 161 -3.89 20.96 3.77
CA TYR A 161 -3.76 20.51 2.39
C TYR A 161 -3.49 21.51 1.26
N PRO A 162 -4.24 22.63 1.21
CA PRO A 162 -3.96 23.57 0.11
C PRO A 162 -2.50 24.04 0.09
N LYS A 163 -1.94 24.34 1.27
CA LYS A 163 -0.56 24.81 1.36
C LYS A 163 0.42 23.69 0.99
N TYR A 164 0.10 22.48 1.42
CA TYR A 164 0.91 21.31 1.12
C TYR A 164 1.01 21.16 -0.41
N VAL A 165 -0.12 21.28 -1.08
CA VAL A 165 -0.17 21.17 -2.53
C VAL A 165 0.67 22.25 -3.21
N GLU A 166 0.54 23.48 -2.70
CA GLU A 166 1.30 24.60 -3.25
C GLU A 166 2.80 24.32 -3.15
N LEU A 167 3.25 23.95 -1.96
CA LEU A 167 4.67 23.68 -1.72
C LEU A 167 5.25 22.44 -2.41
N ILE A 168 4.51 21.34 -2.45
CA ILE A 168 5.05 20.16 -3.10
C ILE A 168 5.14 20.38 -4.60
N ASN A 169 4.18 21.15 -5.15
CA ASN A 169 4.20 21.46 -6.57
C ASN A 169 5.38 22.38 -6.88
N GLN A 170 5.60 23.36 -6.00
CA GLN A 170 6.71 24.29 -6.19
C GLN A 170 8.02 23.53 -6.23
N ALA A 171 8.18 22.58 -5.31
CA ALA A 171 9.39 21.77 -5.27
C ALA A 171 9.52 20.98 -6.57
N ALA A 172 8.43 20.39 -7.04
CA ALA A 172 8.46 19.61 -8.27
C ALA A 172 8.92 20.46 -9.44
N ARG A 173 8.36 21.66 -9.56
CA ARG A 173 8.73 22.56 -10.65
C ARG A 173 10.20 22.95 -10.57
N LEU A 174 10.68 23.16 -9.35
CA LEU A 174 12.08 23.52 -9.13
C LEU A 174 13.01 22.37 -9.46
N ASN A 175 12.43 21.19 -9.68
CA ASN A 175 13.22 20.03 -10.04
C ASN A 175 13.01 19.62 -11.49
N GLY A 176 12.31 20.47 -12.23
CA GLY A 176 12.10 20.21 -13.64
C GLY A 176 10.80 19.53 -14.07
N TYR A 177 9.90 19.28 -13.11
CA TYR A 177 8.63 18.65 -13.44
C TYR A 177 7.54 19.72 -13.53
N VAL A 178 6.41 19.40 -14.15
CA VAL A 178 5.33 20.38 -14.27
C VAL A 178 4.52 20.51 -12.99
N ASP A 179 4.48 19.45 -12.20
CA ASP A 179 3.77 19.44 -10.91
C ASP A 179 4.17 18.17 -10.14
N ALA A 180 3.73 18.05 -8.89
CA ALA A 180 4.08 16.91 -8.05
C ALA A 180 3.61 15.56 -8.61
N GLY A 181 2.47 15.55 -9.30
CA GLY A 181 1.96 14.31 -9.87
C GLY A 181 2.91 13.82 -10.95
N ASP A 182 3.40 14.75 -11.75
CA ASP A 182 4.35 14.44 -12.83
C ASP A 182 5.60 13.85 -12.18
N SER A 183 6.06 14.48 -11.10
CA SER A 183 7.24 13.99 -10.40
C SER A 183 7.04 12.55 -9.89
N TRP A 184 5.90 12.29 -9.27
CA TRP A 184 5.63 10.95 -8.75
C TRP A 184 5.54 9.90 -9.86
N ARG A 185 4.82 10.23 -10.94
CA ARG A 185 4.69 9.28 -12.05
C ARG A 185 6.04 8.95 -12.68
N SER A 186 6.96 9.90 -12.65
CA SER A 186 8.29 9.70 -13.24
C SER A 186 9.05 8.54 -12.62
N MET A 187 8.66 8.13 -11.41
CA MET A 187 9.34 7.02 -10.74
C MET A 187 9.26 5.73 -11.54
N TYR A 188 8.29 5.63 -12.45
CA TYR A 188 8.14 4.43 -13.25
C TYR A 188 8.91 4.47 -14.57
N GLU A 189 9.47 5.62 -14.90
CA GLU A 189 10.24 5.77 -16.14
C GLU A 189 9.47 5.18 -17.31
N THR A 190 8.16 5.39 -17.32
CA THR A 190 7.30 4.85 -18.37
C THR A 190 6.37 5.92 -18.92
N PRO A 191 6.74 6.51 -20.08
CA PRO A 191 5.94 7.56 -20.71
C PRO A 191 4.47 7.18 -20.92
N SER A 192 4.21 5.92 -21.22
CA SER A 192 2.86 5.44 -21.48
C SER A 192 2.11 5.02 -20.22
N LEU A 193 2.68 5.28 -19.06
CA LEU A 193 2.05 4.88 -17.78
C LEU A 193 0.54 5.07 -17.65
N GLU A 194 0.05 6.29 -17.81
CA GLU A 194 -1.39 6.53 -17.64
C GLU A 194 -2.25 5.67 -18.55
N GLN A 195 -1.86 5.55 -19.82
CA GLN A 195 -2.63 4.74 -20.76
C GLN A 195 -2.51 3.26 -20.40
N ASP A 196 -1.32 2.84 -19.99
CA ASP A 196 -1.09 1.45 -19.62
C ASP A 196 -1.97 1.04 -18.45
N LEU A 197 -2.01 1.87 -17.42
CA LEU A 197 -2.80 1.57 -16.23
C LEU A 197 -4.30 1.59 -16.52
N GLU A 198 -4.72 2.51 -17.39
CA GLU A 198 -6.12 2.60 -17.76
C GLU A 198 -6.57 1.30 -18.47
N ARG A 199 -5.71 0.79 -19.36
CA ARG A 199 -6.04 -0.45 -20.06
C ARG A 199 -6.17 -1.60 -19.06
N LEU A 200 -5.26 -1.64 -18.09
CA LEU A 200 -5.27 -2.69 -17.09
C LEU A 200 -6.55 -2.61 -16.26
N PHE A 201 -6.90 -1.39 -15.86
CA PHE A 201 -8.11 -1.20 -15.08
C PHE A 201 -9.32 -1.72 -15.86
N GLN A 202 -9.39 -1.36 -17.14
CA GLN A 202 -10.51 -1.80 -17.97
C GLN A 202 -10.63 -3.30 -18.08
N GLU A 203 -9.50 -4.00 -18.15
CA GLU A 203 -9.53 -5.45 -18.25
C GLU A 203 -10.12 -6.11 -17.01
N LEU A 204 -10.04 -5.43 -15.88
CA LEU A 204 -10.58 -5.99 -14.64
C LEU A 204 -12.03 -5.58 -14.35
N GLN A 205 -12.63 -4.79 -15.24
CA GLN A 205 -14.00 -4.33 -15.04
C GLN A 205 -15.05 -5.44 -14.98
N PRO A 206 -14.99 -6.43 -15.89
CA PRO A 206 -15.99 -7.49 -15.82
C PRO A 206 -16.01 -8.16 -14.46
N LEU A 207 -14.82 -8.46 -13.93
CA LEU A 207 -14.71 -9.09 -12.62
C LEU A 207 -15.23 -8.19 -11.51
N TYR A 208 -14.76 -6.95 -11.46
CA TYR A 208 -15.21 -6.06 -10.41
C TYR A 208 -16.72 -5.80 -10.46
N LEU A 209 -17.24 -5.52 -11.65
CA LEU A 209 -18.67 -5.26 -11.77
C LEU A 209 -19.51 -6.45 -11.31
N ASN A 210 -19.07 -7.66 -11.63
CA ASN A 210 -19.83 -8.84 -11.21
C ASN A 210 -19.74 -9.06 -9.70
N LEU A 211 -18.57 -8.79 -9.12
CA LEU A 211 -18.40 -8.94 -7.67
C LEU A 211 -19.25 -7.89 -6.97
N HIS A 212 -19.22 -6.67 -7.49
CA HIS A 212 -19.97 -5.55 -6.95
C HIS A 212 -21.47 -5.86 -6.93
N ALA A 213 -21.99 -6.36 -8.05
CA ALA A 213 -23.42 -6.69 -8.13
C ALA A 213 -23.80 -7.80 -7.17
N TYR A 214 -22.92 -8.80 -7.02
CA TYR A 214 -23.19 -9.92 -6.15
C TYR A 214 -23.22 -9.48 -4.69
N VAL A 215 -22.23 -8.68 -4.29
CA VAL A 215 -22.15 -8.19 -2.93
C VAL A 215 -23.32 -7.23 -2.64
N ARG A 216 -23.69 -6.42 -3.63
CA ARG A 216 -24.79 -5.49 -3.47
C ARG A 216 -26.08 -6.27 -3.17
N ARG A 217 -26.28 -7.38 -3.89
CA ARG A 217 -27.45 -8.21 -3.66
C ARG A 217 -27.45 -8.77 -2.23
N ALA A 218 -26.28 -9.19 -1.76
CA ALA A 218 -26.15 -9.75 -0.42
C ALA A 218 -26.45 -8.70 0.67
N LEU A 219 -26.00 -7.47 0.44
CA LEU A 219 -26.25 -6.39 1.40
C LEU A 219 -27.74 -6.04 1.39
N HIS A 220 -28.36 -6.17 0.23
CA HIS A 220 -29.79 -5.88 0.07
C HIS A 220 -30.54 -6.91 0.93
N ARG A 221 -30.07 -8.16 0.89
CA ARG A 221 -30.66 -9.24 1.65
C ARG A 221 -30.56 -9.01 3.16
N HIS A 222 -29.40 -8.51 3.60
CA HIS A 222 -29.15 -8.29 5.01
C HIS A 222 -29.66 -6.98 5.61
N TYR A 223 -29.39 -5.87 4.92
CA TYR A 223 -29.80 -4.56 5.43
C TYR A 223 -31.16 -4.07 4.96
N GLY A 224 -31.75 -4.75 3.98
CA GLY A 224 -33.07 -4.36 3.50
C GLY A 224 -33.16 -3.51 2.24
N ALA A 225 -34.26 -3.69 1.52
CA ALA A 225 -34.51 -2.97 0.28
C ALA A 225 -34.54 -1.46 0.45
N GLN A 226 -34.92 -0.99 1.63
CA GLN A 226 -35.00 0.46 1.88
C GLN A 226 -33.63 1.11 2.00
N HIS A 227 -32.57 0.30 2.11
CA HIS A 227 -31.22 0.84 2.24
C HIS A 227 -30.27 0.50 1.09
N ILE A 228 -30.66 -0.44 0.25
CA ILE A 228 -29.82 -0.84 -0.87
C ILE A 228 -30.59 -0.78 -2.19
N ASN A 229 -30.07 0.00 -3.14
CA ASN A 229 -30.69 0.11 -4.45
C ASN A 229 -29.98 -0.92 -5.33
N LEU A 230 -30.72 -1.89 -5.84
CA LEU A 230 -30.15 -2.94 -6.66
C LEU A 230 -29.59 -2.48 -8.01
N GLU A 231 -29.84 -1.21 -8.36
CA GLU A 231 -29.34 -0.66 -9.61
C GLU A 231 -28.49 0.56 -9.33
N GLY A 232 -28.03 0.70 -8.09
CA GLY A 232 -27.21 1.86 -7.74
C GLY A 232 -25.94 1.54 -6.99
N PRO A 233 -25.24 2.58 -6.50
CA PRO A 233 -24.00 2.38 -5.76
C PRO A 233 -24.27 1.82 -4.36
N ILE A 234 -23.23 1.26 -3.74
CA ILE A 234 -23.34 0.66 -2.42
C ILE A 234 -22.88 1.65 -1.35
N PRO A 235 -23.64 1.78 -0.24
CA PRO A 235 -23.26 2.70 0.83
C PRO A 235 -21.85 2.34 1.30
N ALA A 236 -20.97 3.35 1.32
CA ALA A 236 -19.57 3.16 1.66
C ALA A 236 -19.19 2.63 3.05
N HIS A 237 -20.14 2.53 3.98
CA HIS A 237 -19.81 2.06 5.32
C HIS A 237 -20.15 0.59 5.61
N LEU A 238 -20.66 -0.12 4.61
CA LEU A 238 -21.09 -1.50 4.81
C LEU A 238 -20.16 -2.59 4.31
N LEU A 239 -18.95 -2.22 3.90
CA LEU A 239 -18.04 -3.22 3.35
C LEU A 239 -17.03 -3.83 4.31
N GLY A 240 -17.14 -3.49 5.60
CA GLY A 240 -16.25 -4.07 6.60
C GLY A 240 -14.90 -3.42 6.77
N ASN A 241 -14.71 -2.29 6.11
CA ASN A 241 -13.45 -1.58 6.13
C ASN A 241 -13.71 -0.07 6.09
N MET A 242 -12.93 0.69 6.85
CA MET A 242 -13.12 2.14 6.93
C MET A 242 -13.18 2.84 5.57
N TRP A 243 -12.41 2.35 4.61
CA TRP A 243 -12.37 2.97 3.28
C TRP A 243 -13.03 2.13 2.21
N ALA A 244 -13.62 1.00 2.61
CA ALA A 244 -14.25 0.08 1.68
C ALA A 244 -13.25 -0.29 0.59
N GLN A 245 -11.97 -0.35 0.95
CA GLN A 245 -10.93 -0.69 -0.03
C GLN A 245 -10.77 -2.19 -0.18
N THR A 246 -11.11 -2.93 0.87
CA THR A 246 -11.08 -4.39 0.86
C THR A 246 -12.37 -4.77 1.56
N TRP A 247 -13.03 -5.83 1.07
CA TRP A 247 -14.31 -6.23 1.63
C TRP A 247 -14.28 -7.57 2.36
N SER A 248 -13.07 -8.04 2.66
CA SER A 248 -12.87 -9.33 3.32
C SER A 248 -13.71 -9.56 4.58
N ASN A 249 -13.91 -8.51 5.35
CA ASN A 249 -14.65 -8.66 6.60
C ASN A 249 -16.14 -8.94 6.51
N ILE A 250 -16.73 -8.84 5.32
CA ILE A 250 -18.15 -9.16 5.20
C ILE A 250 -18.31 -10.50 4.48
N TYR A 251 -17.28 -11.32 4.53
CA TYR A 251 -17.33 -12.64 3.91
C TYR A 251 -18.57 -13.39 4.42
N ASP A 252 -18.82 -13.27 5.72
CA ASP A 252 -19.96 -13.95 6.35
C ASP A 252 -21.31 -13.60 5.72
N LEU A 253 -21.44 -12.38 5.22
CA LEU A 253 -22.68 -11.93 4.59
C LEU A 253 -22.82 -12.36 3.12
N VAL A 254 -21.71 -12.74 2.51
CA VAL A 254 -21.74 -13.10 1.09
C VAL A 254 -21.23 -14.48 0.71
N VAL A 255 -20.90 -15.32 1.69
CA VAL A 255 -20.39 -16.66 1.39
C VAL A 255 -21.24 -17.36 0.32
N PRO A 256 -20.60 -17.78 -0.79
CA PRO A 256 -21.28 -18.47 -1.90
C PRO A 256 -21.98 -19.76 -1.48
N PHE A 257 -21.29 -20.58 -0.69
CA PHE A 257 -21.87 -21.84 -0.22
C PHE A 257 -21.78 -21.95 1.30
N PRO A 258 -22.78 -21.42 2.01
CA PRO A 258 -22.82 -21.46 3.48
C PRO A 258 -22.87 -22.89 4.04
N SER A 259 -23.17 -23.85 3.18
CA SER A 259 -23.24 -25.25 3.62
C SER A 259 -21.84 -25.78 3.90
N ALA A 260 -20.83 -25.11 3.34
CA ALA A 260 -19.45 -25.50 3.52
C ALA A 260 -18.79 -24.50 4.46
N PRO A 261 -19.02 -24.65 5.78
CA PRO A 261 -18.47 -23.76 6.80
C PRO A 261 -16.95 -23.76 6.86
N SER A 262 -16.39 -22.58 7.12
CA SER A 262 -14.95 -22.42 7.21
C SER A 262 -14.61 -22.00 8.64
N MET A 263 -13.56 -22.59 9.20
CA MET A 263 -13.15 -22.28 10.56
C MET A 263 -12.94 -20.80 10.80
N ASP A 264 -13.08 -20.40 12.06
CA ASP A 264 -12.90 -19.01 12.46
C ASP A 264 -11.38 -18.78 12.53
N THR A 265 -10.79 -18.52 11.38
CA THR A 265 -9.34 -18.29 11.26
C THR A 265 -8.79 -17.37 12.34
N THR A 266 -9.43 -16.21 12.51
CA THR A 266 -9.00 -15.24 13.50
C THR A 266 -9.17 -15.78 14.90
N GLU A 267 -10.19 -16.60 15.12
CA GLU A 267 -10.43 -17.19 16.43
C GLU A 267 -9.47 -18.36 16.66
N ALA A 268 -9.09 -19.01 15.57
CA ALA A 268 -8.16 -20.14 15.65
C ALA A 268 -6.80 -19.60 16.10
N MET A 269 -6.38 -18.50 15.49
CA MET A 269 -5.10 -17.88 15.83
C MET A 269 -5.08 -17.53 17.31
N LEU A 270 -6.15 -16.89 17.78
CA LEU A 270 -6.26 -16.49 19.17
C LEU A 270 -6.35 -17.73 20.07
N LYS A 271 -7.17 -18.68 19.64
CA LYS A 271 -7.36 -19.92 20.40
C LYS A 271 -6.05 -20.60 20.74
N GLN A 272 -5.15 -20.72 19.77
CA GLN A 272 -3.87 -21.37 20.03
C GLN A 272 -2.71 -20.43 20.30
N GLY A 273 -3.02 -19.36 21.03
CA GLY A 273 -2.03 -18.38 21.44
C GLY A 273 -1.11 -17.71 20.43
N TRP A 274 -1.60 -17.45 19.23
CA TRP A 274 -0.76 -16.76 18.24
C TRP A 274 -0.52 -15.34 18.75
N THR A 275 0.70 -14.84 18.54
CA THR A 275 1.06 -13.50 18.97
C THR A 275 1.68 -12.76 17.78
N PRO A 276 1.83 -11.43 17.89
CA PRO A 276 2.43 -10.69 16.78
C PRO A 276 3.81 -11.25 16.41
N ARG A 277 4.60 -11.60 17.42
CA ARG A 277 5.93 -12.13 17.17
C ARG A 277 5.84 -13.43 16.37
N ARG A 278 4.88 -14.28 16.72
CA ARG A 278 4.69 -15.54 16.02
C ARG A 278 4.33 -15.28 14.56
N MET A 279 3.52 -14.26 14.34
CA MET A 279 3.08 -13.91 13.00
C MET A 279 4.26 -13.54 12.11
N PHE A 280 5.17 -12.71 12.61
CA PHE A 280 6.33 -12.34 11.82
C PHE A 280 7.31 -13.49 11.70
N LYS A 281 7.37 -14.34 12.72
CA LYS A 281 8.26 -15.49 12.68
C LYS A 281 7.82 -16.42 11.56
N GLU A 282 6.50 -16.58 11.38
CA GLU A 282 5.99 -17.44 10.32
C GLU A 282 6.31 -16.84 8.95
N ALA A 283 6.22 -15.52 8.84
CA ALA A 283 6.53 -14.86 7.58
C ALA A 283 8.02 -15.05 7.30
N ASP A 284 8.84 -14.82 8.32
CA ASP A 284 10.28 -14.97 8.21
C ASP A 284 10.59 -16.38 7.71
N ASP A 285 9.85 -17.37 8.22
CA ASP A 285 10.05 -18.77 7.83
C ASP A 285 9.68 -19.00 6.38
N PHE A 286 8.64 -18.32 5.90
CA PHE A 286 8.24 -18.51 4.52
C PHE A 286 9.35 -18.02 3.60
N PHE A 287 9.92 -16.86 3.91
CA PHE A 287 10.99 -16.33 3.08
C PHE A 287 12.20 -17.26 3.06
N THR A 288 12.63 -17.71 4.23
CA THR A 288 13.79 -18.60 4.30
C THR A 288 13.51 -19.93 3.60
N SER A 289 12.25 -20.37 3.59
CA SER A 289 11.91 -21.63 2.94
C SER A 289 12.18 -21.54 1.44
N LEU A 290 12.12 -20.32 0.90
CA LEU A 290 12.36 -20.09 -0.52
C LEU A 290 13.84 -19.88 -0.81
N GLY A 291 14.65 -19.94 0.24
CA GLY A 291 16.08 -19.75 0.07
C GLY A 291 16.43 -18.28 0.21
N LEU A 292 15.44 -17.46 0.56
CA LEU A 292 15.66 -16.03 0.73
C LEU A 292 16.27 -15.73 2.10
N LEU A 293 16.62 -14.46 2.32
CA LEU A 293 17.26 -14.03 3.56
C LEU A 293 16.37 -13.90 4.79
N PRO A 294 16.91 -14.31 5.95
CA PRO A 294 16.16 -14.21 7.21
C PRO A 294 16.44 -12.81 7.76
N VAL A 295 15.52 -12.24 8.52
CA VAL A 295 15.78 -10.93 9.07
C VAL A 295 16.87 -11.07 10.13
N PRO A 296 17.72 -10.05 10.29
CA PRO A 296 18.82 -10.07 11.27
C PRO A 296 18.32 -10.10 12.71
N PRO A 297 19.18 -10.56 13.64
CA PRO A 297 18.80 -10.63 15.05
C PRO A 297 18.33 -9.25 15.51
N GLU A 298 19.03 -8.23 15.03
CA GLU A 298 18.75 -6.83 15.34
C GLU A 298 17.30 -6.46 15.05
N PHE A 299 16.71 -7.11 14.05
CA PHE A 299 15.32 -6.84 13.66
C PHE A 299 14.36 -7.13 14.81
N TRP A 300 14.50 -8.30 15.42
CA TRP A 300 13.63 -8.69 16.51
C TRP A 300 13.80 -7.84 17.76
N ASN A 301 14.98 -7.25 17.92
CA ASN A 301 15.26 -6.44 19.09
C ASN A 301 14.84 -4.98 18.97
N LYS A 302 14.86 -4.43 17.76
CA LYS A 302 14.52 -3.02 17.58
C LYS A 302 13.14 -2.70 16.97
N SER A 303 12.50 -3.68 16.37
CA SER A 303 11.18 -3.46 15.77
C SER A 303 10.08 -3.24 16.81
N MET A 304 9.03 -2.53 16.40
CA MET A 304 7.89 -2.29 17.28
C MET A 304 6.77 -3.09 16.61
N LEU A 305 6.59 -4.34 17.03
CA LEU A 305 5.58 -5.20 16.44
C LEU A 305 4.24 -5.17 17.17
N GLU A 306 4.16 -4.38 18.23
CA GLU A 306 2.94 -4.24 19.01
C GLU A 306 2.73 -2.79 19.38
N LYS A 307 1.46 -2.41 19.56
CA LYS A 307 1.14 -1.05 19.95
C LYS A 307 1.62 -0.90 21.40
N PRO A 308 2.50 0.08 21.66
CA PRO A 308 3.02 0.31 23.01
C PRO A 308 1.92 0.50 24.05
N THR A 309 2.23 0.16 25.29
CA THR A 309 1.27 0.31 26.38
C THR A 309 1.90 1.10 27.52
N ASP A 310 3.04 1.72 27.25
CA ASP A 310 3.76 2.51 28.25
C ASP A 310 3.34 3.97 28.26
N GLY A 311 2.27 4.30 27.53
CA GLY A 311 1.79 5.66 27.50
C GLY A 311 2.10 6.49 26.26
N ARG A 312 3.20 6.19 25.58
CA ARG A 312 3.56 6.95 24.39
C ARG A 312 2.63 6.77 23.21
N GLU A 313 2.44 7.84 22.45
CA GLU A 313 1.58 7.84 21.27
C GLU A 313 2.47 7.50 20.07
N VAL A 314 1.95 6.73 19.12
CA VAL A 314 2.75 6.34 17.96
C VAL A 314 1.95 6.34 16.66
N VAL A 315 2.68 6.22 15.54
CA VAL A 315 2.06 6.13 14.23
C VAL A 315 1.84 4.62 14.07
N CYS A 316 0.60 4.18 14.22
CA CYS A 316 0.31 2.75 14.12
C CYS A 316 0.35 2.19 12.71
N HIS A 317 0.02 3.00 11.70
CA HIS A 317 0.01 2.49 10.33
C HIS A 317 1.31 1.75 10.03
N ALA A 318 1.18 0.48 9.68
CA ALA A 318 2.33 -0.39 9.40
C ALA A 318 3.31 0.12 8.35
N SER A 319 4.60 -0.02 8.63
CA SER A 319 5.63 0.39 7.68
C SER A 319 6.94 -0.34 7.92
N ALA A 320 7.73 -0.46 6.85
CA ALA A 320 9.03 -1.14 6.90
C ALA A 320 10.12 -0.09 6.77
N TRP A 321 11.18 -0.23 7.57
CA TRP A 321 12.27 0.74 7.58
C TRP A 321 13.67 0.24 7.23
N ASP A 322 14.36 1.03 6.41
CA ASP A 322 15.73 0.74 6.00
C ASP A 322 16.56 1.86 6.65
N PHE A 323 17.48 1.50 7.54
CA PHE A 323 18.31 2.51 8.18
C PHE A 323 19.61 2.81 7.44
N TYR A 324 19.65 2.36 6.19
CA TYR A 324 20.78 2.57 5.28
C TYR A 324 22.19 2.25 5.77
N ASN A 325 22.35 1.19 6.56
CA ASN A 325 23.69 0.81 6.99
C ASN A 325 23.89 -0.66 6.68
N GLY A 326 22.94 -1.22 5.92
CA GLY A 326 23.01 -2.61 5.52
C GLY A 326 22.88 -3.64 6.63
N LYS A 327 22.52 -3.19 7.83
CA LYS A 327 22.39 -4.12 8.96
C LYS A 327 21.12 -3.90 9.77
N ASP A 328 20.71 -2.64 9.91
CA ASP A 328 19.54 -2.29 10.69
C ASP A 328 18.27 -2.13 9.83
N PHE A 329 17.34 -3.07 9.98
CA PHE A 329 16.07 -3.03 9.26
C PHE A 329 14.98 -3.29 10.30
N ARG A 330 13.89 -2.53 10.24
CA ARG A 330 12.83 -2.70 11.22
C ARG A 330 11.42 -2.53 10.69
N ILE A 331 10.46 -3.08 11.42
CA ILE A 331 9.06 -2.94 11.07
C ILE A 331 8.36 -2.30 12.26
N LYS A 332 7.44 -1.39 11.96
CA LYS A 332 6.66 -0.69 12.98
C LYS A 332 5.20 -0.93 12.64
N GLN A 333 4.57 -1.81 13.41
CA GLN A 333 3.17 -2.16 13.18
C GLN A 333 2.45 -2.45 14.49
N CYS A 334 1.24 -1.92 14.64
CA CYS A 334 0.45 -2.18 15.84
C CYS A 334 -0.36 -3.41 15.51
N THR A 335 0.37 -4.51 15.38
CA THR A 335 -0.17 -5.81 15.01
C THR A 335 -1.29 -6.35 15.89
N THR A 336 -2.33 -6.85 15.24
CA THR A 336 -3.46 -7.46 15.94
C THR A 336 -3.48 -8.90 15.44
N VAL A 337 -3.90 -9.83 16.29
CA VAL A 337 -3.93 -11.24 15.91
C VAL A 337 -5.17 -11.61 15.10
N ASN A 338 -4.99 -11.65 13.79
CA ASN A 338 -6.06 -12.02 12.85
C ASN A 338 -5.41 -12.24 11.49
N LEU A 339 -6.15 -12.86 10.57
CA LEU A 339 -5.63 -13.16 9.25
C LEU A 339 -5.30 -11.92 8.42
N GLU A 340 -6.08 -10.86 8.57
CA GLU A 340 -5.84 -9.65 7.81
C GLU A 340 -4.47 -9.07 8.13
N ASP A 341 -4.11 -9.02 9.40
CA ASP A 341 -2.81 -8.48 9.81
C ASP A 341 -1.67 -9.46 9.56
N LEU A 342 -2.00 -10.74 9.39
CA LEU A 342 -0.97 -11.73 9.11
C LEU A 342 -0.49 -11.44 7.68
N VAL A 343 -1.44 -11.11 6.80
CA VAL A 343 -1.11 -10.78 5.42
C VAL A 343 -0.31 -9.49 5.42
N VAL A 344 -0.71 -8.53 6.23
CA VAL A 344 0.03 -7.27 6.30
C VAL A 344 1.45 -7.53 6.80
N ALA A 345 1.60 -8.47 7.72
CA ALA A 345 2.93 -8.81 8.25
C ALA A 345 3.81 -9.28 7.09
N HIS A 346 3.25 -10.13 6.23
CA HIS A 346 4.00 -10.64 5.08
C HIS A 346 4.33 -9.51 4.12
N HIS A 347 3.36 -8.61 3.94
CA HIS A 347 3.55 -7.46 3.06
C HIS A 347 4.76 -6.67 3.51
N GLU A 348 4.81 -6.34 4.80
CA GLU A 348 5.91 -5.56 5.36
C GLU A 348 7.23 -6.33 5.34
N MET A 349 7.17 -7.63 5.61
CA MET A 349 8.38 -8.43 5.60
C MET A 349 8.94 -8.49 4.17
N GLY A 350 8.07 -8.28 3.20
CA GLY A 350 8.49 -8.28 1.81
C GLY A 350 9.36 -7.06 1.55
N HIS A 351 9.01 -5.93 2.16
CA HIS A 351 9.80 -4.71 2.01
C HIS A 351 11.17 -4.95 2.63
N ILE A 352 11.17 -5.55 3.81
CA ILE A 352 12.43 -5.84 4.50
C ILE A 352 13.33 -6.73 3.65
N GLN A 353 12.74 -7.71 2.97
CA GLN A 353 13.53 -8.61 2.13
C GLN A 353 14.19 -7.85 0.99
N TYR A 354 13.44 -6.90 0.43
CA TYR A 354 13.96 -6.10 -0.68
C TYR A 354 15.15 -5.27 -0.16
N PHE A 355 14.99 -4.69 1.04
CA PHE A 355 16.06 -3.88 1.64
C PHE A 355 17.35 -4.71 1.75
N MET A 356 17.22 -5.90 2.30
CA MET A 356 18.37 -6.77 2.49
C MET A 356 18.97 -7.23 1.16
N GLN A 357 18.13 -7.48 0.17
CA GLN A 357 18.61 -7.93 -1.13
C GLN A 357 19.46 -6.91 -1.90
N TYR A 358 19.11 -5.63 -1.81
CA TYR A 358 19.89 -4.63 -2.54
C TYR A 358 20.77 -3.74 -1.66
N LYS A 359 21.03 -4.19 -0.45
CA LYS A 359 21.84 -3.43 0.51
C LYS A 359 23.26 -3.09 0.06
N ASP A 360 23.78 -3.79 -0.93
CA ASP A 360 25.14 -3.54 -1.39
C ASP A 360 25.25 -2.64 -2.62
N LEU A 361 24.12 -2.11 -3.07
CA LEU A 361 24.10 -1.23 -4.23
C LEU A 361 24.28 0.20 -3.74
N PRO A 362 24.68 1.11 -4.65
CA PRO A 362 24.84 2.51 -4.25
C PRO A 362 23.50 2.94 -3.69
N VAL A 363 23.51 3.72 -2.62
CA VAL A 363 22.27 4.18 -1.99
C VAL A 363 21.24 4.75 -2.96
N ALA A 364 21.70 5.44 -3.99
CA ALA A 364 20.80 6.04 -4.97
C ALA A 364 19.99 4.99 -5.72
N LEU A 365 20.49 3.77 -5.77
CA LEU A 365 19.81 2.69 -6.48
C LEU A 365 19.14 1.68 -5.55
N ARG A 366 19.07 2.01 -4.27
CA ARG A 366 18.44 1.13 -3.29
C ARG A 366 16.93 1.40 -3.24
N GLU A 367 16.25 1.02 -4.31
CA GLU A 367 14.80 1.19 -4.43
C GLU A 367 14.31 0.02 -5.27
N GLY A 368 13.00 -0.18 -5.36
CA GLY A 368 12.49 -1.29 -6.16
C GLY A 368 12.62 -0.96 -7.64
N ALA A 369 12.50 -1.96 -8.51
CA ALA A 369 12.58 -1.75 -9.96
C ALA A 369 11.68 -0.55 -10.25
N ASN A 370 10.53 -0.54 -9.58
CA ASN A 370 9.59 0.58 -9.59
C ASN A 370 8.86 0.40 -8.26
N PRO A 371 8.19 1.44 -7.75
CA PRO A 371 7.49 1.31 -6.47
C PRO A 371 6.56 0.11 -6.33
N GLY A 372 5.92 -0.26 -7.44
CA GLY A 372 5.01 -1.39 -7.43
C GLY A 372 5.70 -2.69 -7.08
N PHE A 373 6.93 -2.87 -7.56
CA PHE A 373 7.69 -4.08 -7.27
C PHE A 373 7.94 -4.20 -5.77
N HIS A 374 8.26 -3.09 -5.12
CA HIS A 374 8.53 -3.12 -3.70
C HIS A 374 7.29 -3.56 -2.92
N GLU A 375 6.12 -3.13 -3.39
CA GLU A 375 4.86 -3.48 -2.74
C GLU A 375 4.39 -4.91 -3.00
N ALA A 376 4.80 -5.48 -4.11
CA ALA A 376 4.37 -6.83 -4.49
C ALA A 376 5.03 -8.03 -3.84
N ILE A 377 6.29 -7.91 -3.48
CA ILE A 377 7.02 -9.05 -2.91
C ILE A 377 6.30 -9.80 -1.79
N GLY A 378 5.99 -9.09 -0.71
CA GLY A 378 5.33 -9.73 0.43
C GLY A 378 3.97 -10.29 0.06
N ASP A 379 3.23 -9.57 -0.78
CA ASP A 379 1.91 -10.02 -1.21
C ASP A 379 1.97 -11.33 -1.96
N VAL A 380 3.01 -11.54 -2.76
CA VAL A 380 3.15 -12.78 -3.51
C VAL A 380 3.20 -13.97 -2.55
N LEU A 381 4.05 -13.90 -1.53
CA LEU A 381 4.12 -15.00 -0.58
C LEU A 381 2.80 -15.17 0.17
N ALA A 382 2.18 -14.04 0.51
CA ALA A 382 0.91 -14.08 1.23
C ALA A 382 -0.17 -14.79 0.42
N LEU A 383 -0.07 -14.74 -0.90
CA LEU A 383 -1.06 -15.43 -1.74
C LEU A 383 -1.01 -16.93 -1.43
N SER A 384 0.19 -17.47 -1.31
CA SER A 384 0.36 -18.89 -1.00
C SER A 384 -0.05 -19.19 0.44
N VAL A 385 0.27 -18.28 1.35
CA VAL A 385 -0.07 -18.47 2.76
C VAL A 385 -1.58 -18.53 2.96
N SER A 386 -2.31 -17.75 2.17
CA SER A 386 -3.77 -17.68 2.25
C SER A 386 -4.52 -18.91 1.73
N THR A 387 -3.84 -19.79 1.00
CA THR A 387 -4.51 -20.96 0.47
C THR A 387 -5.01 -21.87 1.60
N PRO A 388 -6.19 -22.48 1.40
CA PRO A 388 -6.76 -23.36 2.42
C PRO A 388 -5.75 -24.39 2.92
N LYS A 389 -5.06 -25.04 1.99
CA LYS A 389 -4.09 -26.06 2.38
C LYS A 389 -2.96 -25.52 3.25
N HIS A 390 -2.47 -24.32 2.93
CA HIS A 390 -1.39 -23.77 3.74
C HIS A 390 -1.91 -23.38 5.12
N LEU A 391 -3.12 -22.82 5.17
CA LEU A 391 -3.71 -22.43 6.45
C LEU A 391 -3.97 -23.67 7.27
N HIS A 392 -4.26 -24.78 6.61
CA HIS A 392 -4.51 -26.01 7.33
C HIS A 392 -3.20 -26.53 7.91
N SER A 393 -2.09 -26.29 7.20
CA SER A 393 -0.79 -26.74 7.67
C SER A 393 -0.37 -25.92 8.88
N LEU A 394 -1.00 -24.77 9.06
CA LEU A 394 -0.69 -23.90 10.19
C LEU A 394 -1.70 -24.18 11.30
N ASN A 395 -2.59 -25.13 11.04
CA ASN A 395 -3.61 -25.54 11.98
C ASN A 395 -4.67 -24.46 12.19
N LEU A 396 -4.84 -23.61 11.17
CA LEU A 396 -5.81 -22.53 11.25
C LEU A 396 -7.08 -22.83 10.46
N LEU A 397 -7.08 -23.98 9.79
CA LEU A 397 -8.23 -24.44 9.00
C LEU A 397 -8.35 -25.95 9.10
N SER A 398 -9.56 -26.46 8.90
CA SER A 398 -9.80 -27.90 8.96
C SER A 398 -10.19 -28.43 7.59
N SER A 403 -13.66 -29.78 -2.12
CA SER A 403 -14.92 -29.62 -2.85
C SER A 403 -14.90 -28.36 -3.71
N ASP A 404 -15.58 -28.42 -4.85
CA ASP A 404 -15.64 -27.29 -5.76
C ASP A 404 -16.30 -26.10 -5.07
N GLU A 405 -17.15 -26.39 -4.08
CA GLU A 405 -17.84 -25.34 -3.34
C GLU A 405 -16.88 -24.65 -2.38
N HIS A 406 -15.99 -25.43 -1.76
CA HIS A 406 -15.01 -24.87 -0.84
C HIS A 406 -14.08 -24.02 -1.68
N ASP A 407 -13.93 -24.42 -2.93
CA ASP A 407 -13.07 -23.72 -3.88
C ASP A 407 -13.63 -22.34 -4.23
N ILE A 408 -14.93 -22.30 -4.53
CA ILE A 408 -15.57 -21.02 -4.86
C ILE A 408 -15.59 -20.12 -3.64
N ASN A 409 -15.79 -20.70 -2.46
CA ASN A 409 -15.80 -19.91 -1.24
C ASN A 409 -14.44 -19.25 -1.07
N PHE A 410 -13.38 -20.01 -1.34
CA PHE A 410 -12.02 -19.48 -1.21
C PHE A 410 -11.75 -18.35 -2.18
N LEU A 411 -12.09 -18.58 -3.44
CA LEU A 411 -11.89 -17.55 -4.47
C LEU A 411 -12.68 -16.30 -4.11
N MET A 412 -13.85 -16.47 -3.50
CA MET A 412 -14.66 -15.32 -3.11
C MET A 412 -13.92 -14.54 -2.02
N LYS A 413 -13.38 -15.26 -1.05
CA LYS A 413 -12.65 -14.60 0.03
C LYS A 413 -11.47 -13.83 -0.57
N MET A 414 -10.78 -14.43 -1.54
CA MET A 414 -9.65 -13.76 -2.16
C MET A 414 -10.08 -12.54 -2.96
N ALA A 415 -11.20 -12.66 -3.67
CA ALA A 415 -11.70 -11.56 -4.49
C ALA A 415 -12.12 -10.37 -3.62
N LEU A 416 -12.73 -10.64 -2.47
CA LEU A 416 -13.17 -9.57 -1.59
C LEU A 416 -12.01 -8.64 -1.21
N ASP A 417 -10.80 -9.17 -1.26
CA ASP A 417 -9.64 -8.35 -0.94
C ASP A 417 -8.96 -7.82 -2.21
N LYS A 418 -8.53 -8.74 -3.06
CA LYS A 418 -7.80 -8.38 -4.26
C LYS A 418 -8.57 -7.68 -5.38
N ILE A 419 -9.77 -8.16 -5.69
CA ILE A 419 -10.57 -7.54 -6.75
C ILE A 419 -11.23 -6.25 -6.29
N ALA A 420 -11.76 -6.25 -5.07
CA ALA A 420 -12.42 -5.04 -4.56
C ALA A 420 -11.43 -3.88 -4.48
N PHE A 421 -10.17 -4.20 -4.21
CA PHE A 421 -9.13 -3.18 -4.07
C PHE A 421 -8.69 -2.52 -5.38
N ILE A 422 -8.90 -3.19 -6.51
CA ILE A 422 -8.48 -2.63 -7.78
C ILE A 422 -8.98 -1.22 -8.09
N PRO A 423 -10.30 -0.98 -8.03
CA PRO A 423 -10.75 0.39 -8.31
C PRO A 423 -10.32 1.42 -7.26
N PHE A 424 -10.21 1.00 -6.01
CA PHE A 424 -9.81 1.94 -4.97
C PHE A 424 -8.36 2.34 -5.20
N SER A 425 -7.50 1.36 -5.45
CA SER A 425 -6.08 1.63 -5.65
C SER A 425 -5.83 2.47 -6.91
N TYR A 426 -6.75 2.39 -7.85
CA TYR A 426 -6.64 3.16 -9.08
C TYR A 426 -7.07 4.60 -8.84
N LEU A 427 -8.14 4.73 -8.08
CA LEU A 427 -8.79 5.99 -7.73
C LEU A 427 -7.99 7.05 -6.98
N VAL A 428 -7.28 6.65 -5.94
CA VAL A 428 -6.54 7.59 -5.10
C VAL A 428 -5.65 8.60 -5.81
N ASP A 429 -4.75 8.13 -6.67
CA ASP A 429 -3.88 9.06 -7.37
C ASP A 429 -4.53 9.67 -8.60
N GLN A 430 -5.65 9.10 -9.07
CA GLN A 430 -6.33 9.74 -10.19
C GLN A 430 -6.81 11.07 -9.60
N TRP A 431 -7.20 11.02 -8.33
CA TRP A 431 -7.65 12.22 -7.63
C TRP A 431 -6.48 13.16 -7.34
N ARG A 432 -5.42 12.64 -6.73
CA ARG A 432 -4.27 13.49 -6.42
C ARG A 432 -3.59 14.08 -7.64
N TRP A 433 -3.47 13.32 -8.73
CA TRP A 433 -2.82 13.87 -9.93
C TRP A 433 -3.57 15.09 -10.45
N ARG A 434 -4.90 15.07 -10.31
CA ARG A 434 -5.73 16.18 -10.77
C ARG A 434 -5.74 17.34 -9.78
N VAL A 435 -5.40 17.05 -8.53
CA VAL A 435 -5.31 18.11 -7.53
C VAL A 435 -3.97 18.77 -7.82
N PHE A 436 -2.94 17.95 -8.02
CA PHE A 436 -1.61 18.46 -8.30
C PHE A 436 -1.52 19.25 -9.61
N ASP A 437 -2.24 18.84 -10.64
CA ASP A 437 -2.16 19.58 -11.90
C ASP A 437 -3.14 20.76 -11.98
N GLY A 438 -3.79 21.06 -10.85
CA GLY A 438 -4.69 22.19 -10.79
C GLY A 438 -6.11 22.01 -11.31
N SER A 439 -6.44 20.81 -11.78
CA SER A 439 -7.78 20.52 -12.30
C SER A 439 -8.83 20.54 -11.19
N ILE A 440 -8.41 20.17 -9.98
CA ILE A 440 -9.31 20.15 -8.84
C ILE A 440 -8.83 21.18 -7.83
N THR A 441 -9.67 22.17 -7.54
CA THR A 441 -9.31 23.21 -6.58
C THR A 441 -9.82 22.82 -5.20
N LYS A 442 -9.40 23.55 -4.17
CA LYS A 442 -9.82 23.25 -2.81
C LYS A 442 -11.34 23.35 -2.63
N GLU A 443 -12.00 24.08 -3.52
CA GLU A 443 -13.45 24.20 -3.44
C GLU A 443 -14.09 22.89 -3.85
N ASN A 444 -13.39 22.13 -4.67
CA ASN A 444 -13.90 20.86 -5.20
C ASN A 444 -13.20 19.59 -4.75
N TYR A 445 -12.31 19.67 -3.77
CA TYR A 445 -11.60 18.48 -3.29
C TYR A 445 -12.54 17.30 -3.03
N ASN A 446 -13.47 17.49 -2.12
CA ASN A 446 -14.38 16.43 -1.70
C ASN A 446 -15.38 15.97 -2.76
N GLN A 447 -15.94 16.91 -3.51
CA GLN A 447 -16.91 16.55 -4.53
C GLN A 447 -16.27 15.66 -5.60
N GLU A 448 -15.04 15.99 -6.00
CA GLU A 448 -14.36 15.19 -7.02
C GLU A 448 -13.93 13.84 -6.47
N TRP A 449 -13.62 13.79 -5.18
CA TRP A 449 -13.24 12.53 -4.53
C TRP A 449 -14.44 11.60 -4.65
N TRP A 450 -15.62 12.09 -4.27
CA TRP A 450 -16.81 11.25 -4.35
C TRP A 450 -17.24 10.93 -5.77
N SER A 451 -16.94 11.82 -6.71
CA SER A 451 -17.29 11.57 -8.10
C SER A 451 -16.48 10.37 -8.57
N LEU A 452 -15.23 10.25 -8.11
CA LEU A 452 -14.37 9.13 -8.48
C LEU A 452 -14.73 7.87 -7.71
N ARG A 453 -15.12 8.04 -6.45
CA ARG A 453 -15.52 6.89 -5.64
C ARG A 453 -16.72 6.22 -6.31
N LEU A 454 -17.58 7.04 -6.89
CA LEU A 454 -18.76 6.52 -7.58
C LEU A 454 -18.35 5.88 -8.91
N LYS A 455 -17.66 6.66 -9.73
CA LYS A 455 -17.24 6.21 -11.06
C LYS A 455 -16.46 4.89 -11.06
N TYR A 456 -15.47 4.80 -10.20
CA TYR A 456 -14.63 3.60 -10.17
C TYR A 456 -15.10 2.48 -9.25
N GLN A 457 -15.43 2.82 -8.01
CA GLN A 457 -15.87 1.79 -7.06
C GLN A 457 -17.37 1.55 -6.98
N GLY A 458 -18.17 2.49 -7.47
CA GLY A 458 -19.61 2.30 -7.40
C GLY A 458 -20.08 2.39 -5.96
N LEU A 459 -19.50 3.34 -5.22
CA LEU A 459 -19.87 3.55 -3.83
C LEU A 459 -20.46 4.95 -3.67
N CYS A 460 -21.30 5.12 -2.65
CA CYS A 460 -21.91 6.42 -2.36
C CYS A 460 -21.74 6.69 -0.87
N PRO A 461 -21.68 7.98 -0.47
CA PRO A 461 -21.53 8.25 0.96
C PRO A 461 -22.87 8.05 1.67
N PRO A 462 -22.88 7.35 2.83
CA PRO A 462 -24.11 7.10 3.57
C PRO A 462 -24.74 8.35 4.17
N VAL A 463 -23.94 9.38 4.37
CA VAL A 463 -24.41 10.65 4.89
C VAL A 463 -23.93 11.70 3.89
N PRO A 464 -24.83 12.59 3.45
CA PRO A 464 -24.40 13.61 2.50
C PRO A 464 -23.22 14.41 3.03
N ARG A 465 -22.27 14.73 2.16
CA ARG A 465 -21.11 15.49 2.58
C ARG A 465 -21.46 16.97 2.62
N THR A 466 -20.75 17.73 3.43
CA THR A 466 -21.01 19.15 3.55
C THR A 466 -19.73 19.96 3.45
N GLN A 467 -19.87 21.28 3.35
CA GLN A 467 -18.71 22.15 3.27
C GLN A 467 -17.84 21.95 4.49
N GLY A 468 -16.54 21.77 4.26
CA GLY A 468 -15.64 21.55 5.38
C GLY A 468 -15.17 20.10 5.46
N ASP A 469 -15.91 19.20 4.83
CA ASP A 469 -15.51 17.80 4.83
C ASP A 469 -14.33 17.63 3.87
N PHE A 470 -13.42 16.72 4.23
CA PHE A 470 -12.25 16.44 3.41
C PHE A 470 -11.96 14.98 3.65
N ASP A 471 -12.82 14.14 3.09
CA ASP A 471 -12.71 12.70 3.27
C ASP A 471 -11.37 12.10 2.85
N PRO A 472 -10.71 12.65 1.81
CA PRO A 472 -9.43 12.05 1.43
C PRO A 472 -8.43 12.13 2.60
N GLY A 473 -8.59 13.16 3.42
CA GLY A 473 -7.69 13.34 4.55
C GLY A 473 -7.83 12.25 5.60
N ALA A 474 -8.92 11.48 5.51
CA ALA A 474 -9.18 10.40 6.45
C ALA A 474 -8.51 9.10 6.03
N LYS A 475 -7.71 9.15 4.97
CA LYS A 475 -6.98 7.99 4.47
C LYS A 475 -5.48 8.28 4.65
N PHE A 476 -4.81 7.44 5.44
CA PHE A 476 -3.38 7.59 5.77
C PHE A 476 -2.45 8.21 4.72
N HIS A 477 -2.39 7.61 3.54
CA HIS A 477 -1.47 8.05 2.51
C HIS A 477 -1.62 9.50 2.05
N ILE A 478 -2.79 10.09 2.27
CA ILE A 478 -3.02 11.47 1.87
C ILE A 478 -2.25 12.44 2.77
N PRO A 479 -2.56 12.47 4.08
CA PRO A 479 -1.77 13.41 4.90
C PRO A 479 -0.31 13.00 5.04
N SER A 480 -0.03 11.71 4.86
CA SER A 480 1.35 11.20 4.97
C SER A 480 2.14 11.42 3.69
N SER A 481 1.46 11.90 2.66
CA SER A 481 2.07 12.15 1.37
C SER A 481 2.82 10.95 0.80
N VAL A 482 2.15 9.80 0.79
CA VAL A 482 2.74 8.57 0.25
C VAL A 482 1.96 8.25 -1.03
N PRO A 483 2.67 8.15 -2.18
CA PRO A 483 2.00 7.85 -3.45
C PRO A 483 1.19 6.56 -3.36
N TYR A 484 0.10 6.47 -4.13
CA TYR A 484 -0.76 5.30 -4.07
C TYR A 484 -0.83 4.41 -5.30
N ILE A 485 -0.47 4.93 -6.47
CA ILE A 485 -0.58 4.12 -7.68
C ILE A 485 0.25 2.83 -7.58
N ARG A 486 1.27 2.85 -6.73
CA ARG A 486 2.11 1.69 -6.52
C ARG A 486 1.29 0.46 -6.11
N TYR A 487 0.21 0.69 -5.36
CA TYR A 487 -0.62 -0.43 -4.91
C TYR A 487 -1.45 -1.01 -6.04
N PHE A 488 -1.85 -0.17 -6.99
CA PHE A 488 -2.61 -0.67 -8.14
C PHE A 488 -1.65 -1.54 -8.96
N VAL A 489 -0.46 -1.00 -9.25
CA VAL A 489 0.54 -1.75 -10.00
C VAL A 489 0.84 -3.06 -9.28
N SER A 490 1.06 -2.98 -7.98
CA SER A 490 1.35 -4.16 -7.18
C SER A 490 0.31 -5.27 -7.31
N PHE A 491 -0.97 -4.92 -7.19
CA PHE A 491 -1.99 -5.95 -7.28
C PHE A 491 -2.04 -6.64 -8.64
N ILE A 492 -1.70 -5.90 -9.69
CA ILE A 492 -1.68 -6.49 -11.03
C ILE A 492 -0.47 -7.43 -11.17
N ILE A 493 0.73 -6.89 -10.91
CA ILE A 493 1.94 -7.69 -11.08
C ILE A 493 2.15 -8.82 -10.09
N GLN A 494 1.61 -8.71 -8.88
CA GLN A 494 1.81 -9.79 -7.91
C GLN A 494 1.22 -11.10 -8.42
N PHE A 495 0.15 -11.00 -9.22
CA PHE A 495 -0.45 -12.22 -9.77
C PHE A 495 0.41 -12.72 -10.91
N GLN A 496 1.04 -11.81 -11.63
CA GLN A 496 1.95 -12.21 -12.71
C GLN A 496 3.11 -12.97 -12.08
N PHE A 497 3.60 -12.47 -10.94
CA PHE A 497 4.71 -13.11 -10.24
C PHE A 497 4.28 -14.48 -9.71
N HIS A 498 3.09 -14.54 -9.11
CA HIS A 498 2.55 -15.77 -8.57
C HIS A 498 2.48 -16.83 -9.68
N GLU A 499 1.94 -16.44 -10.82
CA GLU A 499 1.82 -17.36 -11.95
C GLU A 499 3.18 -17.88 -12.39
N ALA A 500 4.14 -16.98 -12.56
CA ALA A 500 5.48 -17.36 -12.99
C ALA A 500 6.20 -18.24 -11.97
N LEU A 501 6.15 -17.85 -10.69
CA LEU A 501 6.80 -18.61 -9.63
C LEU A 501 6.20 -19.99 -9.46
N CYS A 502 4.89 -20.09 -9.68
CA CYS A 502 4.20 -21.38 -9.56
C CYS A 502 4.61 -22.29 -10.70
N GLN A 503 4.78 -21.71 -11.88
CA GLN A 503 5.19 -22.47 -13.05
C GLN A 503 6.62 -22.96 -12.83
N ALA A 504 7.44 -22.12 -12.22
CA ALA A 504 8.83 -22.49 -11.95
C ALA A 504 8.92 -23.54 -10.85
N ALA A 505 7.94 -23.51 -9.95
CA ALA A 505 7.88 -24.46 -8.84
C ALA A 505 7.29 -25.80 -9.27
N GLY A 506 6.92 -25.91 -10.54
CA GLY A 506 6.36 -27.14 -11.06
C GLY A 506 4.88 -27.36 -10.77
N HIS A 507 4.16 -26.29 -10.42
CA HIS A 507 2.74 -26.41 -10.14
C HIS A 507 1.93 -26.67 -11.41
N THR A 508 0.94 -27.53 -11.30
CA THR A 508 0.07 -27.85 -12.42
C THR A 508 -1.37 -27.73 -11.91
N GLY A 509 -2.30 -27.47 -12.81
CA GLY A 509 -3.69 -27.34 -12.41
C GLY A 509 -4.05 -25.89 -12.12
N PRO A 510 -5.23 -25.63 -11.54
CA PRO A 510 -5.69 -24.28 -11.21
C PRO A 510 -4.64 -23.43 -10.50
N LEU A 511 -4.41 -22.23 -11.03
CA LEU A 511 -3.43 -21.33 -10.45
C LEU A 511 -3.72 -20.98 -9.00
N HIS A 512 -5.01 -20.84 -8.65
CA HIS A 512 -5.36 -20.48 -7.28
C HIS A 512 -5.06 -21.57 -6.26
N LYS A 513 -4.70 -22.76 -6.73
CA LYS A 513 -4.38 -23.85 -5.80
C LYS A 513 -2.88 -23.94 -5.52
N CYS A 514 -2.11 -23.06 -6.15
CA CYS A 514 -0.65 -23.07 -5.96
C CYS A 514 -0.16 -22.54 -4.63
N ASP A 515 0.89 -23.18 -4.11
CA ASP A 515 1.53 -22.80 -2.86
C ASP A 515 3.03 -23.00 -3.10
N ILE A 516 3.76 -21.90 -3.22
CA ILE A 516 5.19 -21.96 -3.50
C ILE A 516 6.06 -22.20 -2.28
N TYR A 517 5.45 -22.55 -1.16
CA TYR A 517 6.22 -22.78 0.06
C TYR A 517 7.40 -23.71 -0.18
N GLN A 518 8.57 -23.31 0.30
CA GLN A 518 9.80 -24.07 0.19
C GLN A 518 10.39 -24.21 -1.23
N SER A 519 9.83 -23.50 -2.20
CA SER A 519 10.35 -23.59 -3.57
C SER A 519 11.60 -22.75 -3.78
N LYS A 520 12.71 -23.42 -4.06
CA LYS A 520 13.98 -22.74 -4.27
C LYS A 520 14.05 -22.06 -5.64
N GLU A 521 13.34 -22.62 -6.62
CA GLU A 521 13.32 -22.04 -7.96
C GLU A 521 12.64 -20.67 -7.89
N ALA A 522 11.54 -20.60 -7.15
CA ALA A 522 10.79 -19.35 -7.01
C ALA A 522 11.66 -18.34 -6.26
N GLY A 523 12.29 -18.79 -5.19
CA GLY A 523 13.14 -17.91 -4.40
C GLY A 523 14.25 -17.29 -5.22
N GLN A 524 14.86 -18.08 -6.10
CA GLN A 524 15.95 -17.60 -6.93
C GLN A 524 15.49 -16.50 -7.88
N ARG A 525 14.32 -16.68 -8.48
CA ARG A 525 13.81 -15.67 -9.40
C ARG A 525 13.54 -14.35 -8.70
N LEU A 526 12.96 -14.40 -7.50
CA LEU A 526 12.68 -13.19 -6.76
C LEU A 526 13.98 -12.50 -6.32
N ALA A 527 14.93 -13.30 -5.84
CA ALA A 527 16.20 -12.76 -5.37
C ALA A 527 16.98 -12.07 -6.49
N THR A 528 17.05 -12.70 -7.65
CA THR A 528 17.78 -12.12 -8.77
C THR A 528 17.20 -10.77 -9.16
N ALA A 529 15.87 -10.67 -9.12
CA ALA A 529 15.19 -9.42 -9.45
C ALA A 529 15.38 -8.35 -8.38
N MET A 530 15.23 -8.72 -7.12
CA MET A 530 15.38 -7.75 -6.05
C MET A 530 16.80 -7.20 -5.96
N LYS A 531 17.78 -8.03 -6.32
CA LYS A 531 19.17 -7.60 -6.27
C LYS A 531 19.48 -6.46 -7.22
N LEU A 532 18.66 -6.30 -8.27
CA LEU A 532 18.87 -5.23 -9.23
C LEU A 532 18.53 -3.86 -8.63
N GLY A 533 17.69 -3.87 -7.60
CA GLY A 533 17.30 -2.61 -7.01
C GLY A 533 16.73 -1.73 -8.12
N PHE A 534 17.18 -0.48 -8.18
CA PHE A 534 16.74 0.47 -9.20
C PHE A 534 17.84 0.69 -10.23
N SER A 535 18.76 -0.27 -10.35
CA SER A 535 19.87 -0.16 -11.29
C SER A 535 19.51 -0.27 -12.77
N ARG A 536 18.36 -0.86 -13.07
CA ARG A 536 17.93 -1.03 -14.45
C ARG A 536 16.44 -0.72 -14.61
N PRO A 537 16.00 -0.42 -15.85
CA PRO A 537 14.59 -0.12 -16.11
C PRO A 537 13.78 -1.33 -15.61
N TRP A 538 12.61 -1.09 -15.03
CA TRP A 538 11.83 -2.20 -14.47
C TRP A 538 11.47 -3.37 -15.38
N PRO A 539 11.35 -3.14 -16.71
CA PRO A 539 11.02 -4.28 -17.56
C PRO A 539 12.01 -5.45 -17.46
N GLU A 540 13.24 -5.14 -17.07
CA GLU A 540 14.26 -6.19 -16.93
C GLU A 540 13.97 -7.06 -15.72
N ALA A 541 13.55 -6.45 -14.62
CA ALA A 541 13.22 -7.20 -13.42
C ALA A 541 11.96 -8.00 -13.72
N MET A 542 11.06 -7.42 -14.51
CA MET A 542 9.82 -8.10 -14.86
C MET A 542 10.17 -9.32 -15.70
N GLN A 543 11.11 -9.15 -16.62
CA GLN A 543 11.55 -10.23 -17.50
C GLN A 543 12.19 -11.36 -16.70
N LEU A 544 13.04 -11.00 -15.74
CA LEU A 544 13.72 -11.99 -14.92
C LEU A 544 12.77 -12.88 -14.12
N ILE A 545 11.67 -12.30 -13.66
CA ILE A 545 10.71 -13.07 -12.88
C ILE A 545 9.71 -13.84 -13.74
N THR A 546 9.14 -13.16 -14.73
CA THR A 546 8.10 -13.75 -15.58
C THR A 546 8.48 -14.23 -16.97
N GLY A 547 9.68 -13.93 -17.44
CA GLY A 547 10.07 -14.37 -18.76
C GLY A 547 9.55 -13.46 -19.86
N GLN A 548 8.92 -12.36 -19.47
CA GLN A 548 8.41 -11.37 -20.42
C GLN A 548 8.57 -10.00 -19.76
N PRO A 549 8.52 -8.91 -20.55
CA PRO A 549 8.71 -7.57 -19.95
C PRO A 549 7.55 -6.64 -19.61
N ASN A 550 6.31 -7.02 -19.90
CA ASN A 550 5.19 -6.11 -19.67
C ASN A 550 4.33 -6.40 -18.45
N MET A 551 3.49 -5.42 -18.12
CA MET A 551 2.52 -5.59 -17.04
C MET A 551 1.35 -6.23 -17.78
N SER A 552 0.63 -7.11 -17.12
CA SER A 552 -0.50 -7.77 -17.77
C SER A 552 -1.50 -8.25 -16.74
N ALA A 553 -2.78 -8.06 -17.04
CA ALA A 553 -3.85 -8.47 -16.15
C ALA A 553 -4.21 -9.94 -16.38
N SER A 554 -3.61 -10.54 -17.40
CA SER A 554 -3.92 -11.94 -17.70
C SER A 554 -3.76 -12.92 -16.52
N ALA A 555 -2.71 -12.75 -15.74
CA ALA A 555 -2.48 -13.64 -14.60
C ALA A 555 -3.58 -13.53 -13.56
N MET A 556 -3.96 -12.30 -13.22
CA MET A 556 -5.00 -12.08 -12.23
C MET A 556 -6.33 -12.62 -12.77
N LEU A 557 -6.59 -12.42 -14.06
CA LEU A 557 -7.82 -12.93 -14.66
C LEU A 557 -7.85 -14.46 -14.67
N SER A 558 -6.70 -15.06 -14.92
CA SER A 558 -6.60 -16.53 -14.93
C SER A 558 -6.86 -17.08 -13.53
N TYR A 559 -6.27 -16.44 -12.53
CA TYR A 559 -6.44 -16.85 -11.13
C TYR A 559 -7.93 -16.90 -10.74
N PHE A 560 -8.66 -15.84 -11.10
CA PHE A 560 -10.07 -15.72 -10.77
C PHE A 560 -11.08 -16.24 -11.78
N LYS A 561 -10.59 -16.81 -12.88
CA LYS A 561 -11.48 -17.32 -13.93
C LYS A 561 -12.65 -18.15 -13.40
N PRO A 562 -12.40 -19.12 -12.49
CA PRO A 562 -13.50 -19.93 -11.97
C PRO A 562 -14.56 -19.10 -11.24
N LEU A 563 -14.12 -18.05 -10.55
CA LEU A 563 -15.05 -17.18 -9.82
C LEU A 563 -15.81 -16.31 -10.81
N LEU A 564 -15.15 -15.84 -11.85
CA LEU A 564 -15.82 -15.01 -12.84
C LEU A 564 -16.98 -15.80 -13.44
N ASP A 565 -16.71 -17.06 -13.79
CA ASP A 565 -17.75 -17.90 -14.37
C ASP A 565 -18.91 -18.10 -13.40
N TRP A 566 -18.58 -18.38 -12.14
CA TRP A 566 -19.59 -18.59 -11.11
C TRP A 566 -20.41 -17.32 -10.87
N LEU A 567 -19.74 -16.17 -10.82
CA LEU A 567 -20.41 -14.90 -10.60
C LEU A 567 -21.37 -14.54 -11.72
N ARG A 568 -20.96 -14.75 -12.96
CA ARG A 568 -21.83 -14.43 -14.09
C ARG A 568 -23.10 -15.26 -14.04
N THR A 569 -22.95 -16.56 -13.78
CA THR A 569 -24.09 -17.46 -13.69
C THR A 569 -25.02 -17.03 -12.56
N GLU A 570 -24.44 -16.76 -11.39
CA GLU A 570 -25.21 -16.35 -10.22
C GLU A 570 -25.93 -15.03 -10.47
N ASN A 571 -25.21 -14.02 -10.98
CA ASN A 571 -25.82 -12.72 -11.23
C ASN A 571 -26.89 -12.81 -12.31
N GLU A 572 -26.64 -13.64 -13.32
CA GLU A 572 -27.58 -13.80 -14.41
C GLU A 572 -28.92 -14.38 -13.95
N LEU A 573 -28.86 -15.42 -13.11
CA LEU A 573 -30.09 -16.05 -12.65
C LEU A 573 -30.90 -15.17 -11.71
N HIS A 574 -30.24 -14.18 -11.08
CA HIS A 574 -30.94 -13.26 -10.18
C HIS A 574 -31.33 -11.99 -10.92
N GLY A 575 -30.98 -11.93 -12.20
CA GLY A 575 -31.30 -10.78 -13.03
C GLY A 575 -30.64 -9.47 -12.63
N GLU A 576 -29.40 -9.54 -12.18
CA GLU A 576 -28.71 -8.33 -11.76
C GLU A 576 -28.41 -7.43 -12.95
N LYS A 577 -28.47 -6.13 -12.68
CA LYS A 577 -28.14 -5.12 -13.67
C LYS A 577 -26.78 -4.63 -13.22
N LEU A 578 -25.73 -5.02 -13.93
CA LEU A 578 -24.37 -4.63 -13.57
C LEU A 578 -24.16 -3.12 -13.66
N GLY A 579 -23.35 -2.58 -12.76
CA GLY A 579 -23.07 -1.15 -12.79
C GLY A 579 -24.04 -0.27 -12.02
N TRP A 580 -23.95 1.02 -12.29
CA TRP A 580 -24.76 2.05 -11.66
C TRP A 580 -24.82 3.26 -12.59
N PRO A 581 -25.79 4.16 -12.38
CA PRO A 581 -25.97 5.37 -13.20
C PRO A 581 -24.80 6.34 -13.15
N GLN A 582 -24.71 7.22 -14.04
#